data_6JMF
#
_entry.id   6JMF
#
_cell.length_a   80.790
_cell.length_b   80.790
_cell.length_c   131.668
_cell.angle_alpha   90.00
_cell.angle_beta   90.00
_cell.angle_gamma   120.00
#
_symmetry.space_group_name_H-M   'P 63'
#
loop_
_entity.id
_entity.type
_entity.pdbx_description
1 polymer 'Tyrosine-protein kinase Fes/Fps'
2 non-polymer 'SULFATE ION'
3 non-polymer 6-{[(1R,2S)-2-aminocyclohexyl]amino}-5-cyano-2-[(3-methylphenyl)amino]pyridine-3-carboxamide
4 water water
#
_entity_poly.entity_id   1
_entity_poly.type   'polypeptide(L)'
_entity_poly.pdbx_seq_one_letter_code
;GPEVQKPLHEQLWYHGAIPRAEVAELLVHSGDFLVRESQGKQEYVLSVLWDGLPRHFIIQSLDNLYRLEGEGFPSIPLLI
DHLLSTQQPLTKKSGVVLHRAVPKDKWVLNHEDLVLGEQIGRGNFGEVFSGRLRADNTLVAVKSCRETLPPDLKAKFLQE
ARILKQYSHPNIVRLIGVCTQKQPIYIVMELVQGGDFLTFLRTEGARLRVKTLLQMVGDAAAGMEYLESKCCIHRDLAAR
NCLVTEKNVLKISDFGMSREEADGVYAASGGLRQVPVKWTAPEALNYGRYSSESDVWSFGILLWETFSLGASPYPNLSNQ
QTREFVEKGGRLPCPELCPDAVFRLMEQCWAYEPGQRPSFSTIYQELQSIRKRHR
;
_entity_poly.pdbx_strand_id   A
#
# COMPACT_ATOMS: atom_id res chain seq x y z
N GLU A 3 21.99 6.39 26.16
CA GLU A 3 21.60 5.78 24.85
C GLU A 3 22.41 4.51 24.56
N VAL A 4 23.74 4.63 24.62
CA VAL A 4 24.65 3.52 24.30
C VAL A 4 24.50 2.34 25.27
N GLN A 5 23.87 2.60 26.43
CA GLN A 5 23.63 1.55 27.43
C GLN A 5 22.33 0.78 27.18
N LYS A 6 21.37 1.41 26.48
CA LYS A 6 20.11 0.78 26.09
C LYS A 6 20.32 -0.50 25.27
N PRO A 7 19.47 -1.52 25.50
CA PRO A 7 19.54 -2.76 24.71
C PRO A 7 19.42 -2.47 23.21
N LEU A 8 19.97 -3.36 22.39
CA LEU A 8 19.96 -3.21 20.92
C LEU A 8 18.54 -2.96 20.40
N HIS A 9 17.59 -3.75 20.89
CA HIS A 9 16.19 -3.68 20.45
C HIS A 9 15.52 -2.34 20.68
N GLU A 10 16.11 -1.51 21.54
CA GLU A 10 15.58 -0.16 21.77
C GLU A 10 16.32 0.92 20.99
N GLN A 11 17.42 0.56 20.34
CA GLN A 11 18.22 1.55 19.61
C GLN A 11 17.49 2.10 18.39
N LEU A 12 17.57 3.43 18.22
CA LEU A 12 16.90 4.10 17.11
C LEU A 12 17.39 3.59 15.76
N TRP A 13 18.64 3.16 15.70
CA TRP A 13 19.27 2.72 14.45
C TRP A 13 19.18 1.23 14.22
N TYR A 14 18.39 0.55 15.05
CA TYR A 14 18.17 -0.90 14.89
C TYR A 14 16.82 -1.16 14.21
N HIS A 15 16.88 -1.70 13.00
CA HIS A 15 15.69 -1.89 12.16
C HIS A 15 15.21 -3.32 12.05
N GLY A 16 15.84 -4.24 12.78
CA GLY A 16 15.35 -5.62 12.89
C GLY A 16 15.15 -6.35 11.56
N ALA A 17 13.90 -6.65 11.23
CA ALA A 17 13.57 -7.51 10.09
C ALA A 17 13.30 -6.76 8.78
N ILE A 18 13.75 -5.51 8.71
CA ILE A 18 13.68 -4.71 7.49
C ILE A 18 14.27 -5.50 6.28
N PRO A 19 13.51 -5.62 5.17
CA PRO A 19 14.02 -6.28 3.96
C PRO A 19 15.11 -5.47 3.23
N ARG A 20 15.94 -6.15 2.45
CA ARG A 20 17.06 -5.54 1.69
C ARG A 20 16.70 -4.33 0.81
N ALA A 21 15.50 -4.36 0.23
CA ALA A 21 15.08 -3.29 -0.68
C ALA A 21 14.79 -2.01 0.08
N GLU A 22 14.14 -2.13 1.25
CA GLU A 22 13.91 -0.99 2.13
C GLU A 22 15.21 -0.42 2.68
N VAL A 23 16.19 -1.29 2.90
CA VAL A 23 17.53 -0.88 3.36
C VAL A 23 18.13 0.10 2.36
N ALA A 24 18.17 -0.27 1.08
CA ALA A 24 18.65 0.63 0.01
C ALA A 24 17.88 1.94 -0.06
N GLU A 25 16.59 1.91 0.28
CA GLU A 25 15.76 3.12 0.35
C GLU A 25 16.27 4.09 1.43
N LEU A 26 16.55 3.53 2.61
CA LEU A 26 16.91 4.31 3.80
C LEU A 26 18.35 4.86 3.83
N LEU A 27 19.27 4.17 3.17
CA LEU A 27 20.68 4.58 3.15
C LEU A 27 20.94 5.53 1.97
N VAL A 28 21.10 6.82 2.28
CA VAL A 28 21.11 7.87 1.26
C VAL A 28 22.52 8.36 0.94
N HIS A 29 23.29 8.70 1.98
CA HIS A 29 24.63 9.25 1.82
C HIS A 29 25.69 8.27 2.23
N SER A 30 26.86 8.40 1.61
CA SER A 30 28.06 7.65 1.99
C SER A 30 28.21 7.58 3.51
N GLY A 31 28.41 6.37 4.04
CA GLY A 31 28.58 6.19 5.48
C GLY A 31 27.30 6.11 6.30
N ASP A 32 26.15 6.31 5.65
CA ASP A 32 24.85 6.05 6.27
C ASP A 32 24.78 4.59 6.66
N PHE A 33 24.27 4.29 7.85
CA PHE A 33 24.27 2.90 8.30
C PHE A 33 23.11 2.55 9.19
N LEU A 34 22.82 1.25 9.28
CA LEU A 34 21.85 0.71 10.21
C LEU A 34 22.23 -0.71 10.59
N VAL A 35 21.66 -1.19 11.68
CA VAL A 35 21.83 -2.57 12.08
C VAL A 35 20.48 -3.25 11.94
N ARG A 36 20.51 -4.50 11.52
CA ARG A 36 19.30 -5.27 11.31
C ARG A 36 19.63 -6.72 11.64
N GLU A 37 18.60 -7.56 11.68
CA GLU A 37 18.77 -9.00 11.82
C GLU A 37 18.58 -9.66 10.46
N SER A 38 19.54 -10.45 10.04
CA SER A 38 19.39 -11.27 8.84
C SER A 38 18.38 -12.37 9.13
N GLN A 39 17.23 -12.30 8.45
CA GLN A 39 16.17 -13.30 8.64
C GLN A 39 16.66 -14.68 8.23
N GLY A 40 17.35 -14.75 7.11
CA GLY A 40 17.91 -16.00 6.61
C GLY A 40 18.98 -16.62 7.49
N LYS A 41 20.01 -15.84 7.81
CA LYS A 41 21.21 -16.37 8.48
C LYS A 41 21.10 -16.46 10.00
N GLN A 42 20.17 -15.70 10.59
CA GLN A 42 20.05 -15.56 12.06
C GLN A 42 21.30 -14.97 12.73
N GLU A 43 21.83 -13.90 12.14
CA GLU A 43 22.95 -13.14 12.70
C GLU A 43 22.67 -11.64 12.53
N TYR A 44 23.32 -10.81 13.33
CA TYR A 44 23.13 -9.37 13.15
C TYR A 44 24.00 -8.86 12.03
N VAL A 45 23.49 -7.86 11.33
CA VAL A 45 24.14 -7.35 10.14
C VAL A 45 24.27 -5.83 10.25
N LEU A 46 25.45 -5.32 9.93
CA LEU A 46 25.63 -3.87 9.83
C LEU A 46 25.61 -3.50 8.37
N SER A 47 24.63 -2.72 7.96
CA SER A 47 24.50 -2.29 6.56
C SER A 47 24.90 -0.84 6.38
N VAL A 48 25.79 -0.60 5.44
CA VAL A 48 26.43 0.71 5.25
C VAL A 48 26.51 1.08 3.77
N LEU A 49 26.11 2.30 3.44
CA LEU A 49 26.22 2.78 2.06
C LEU A 49 27.67 3.17 1.79
N TRP A 50 28.24 2.61 0.72
CA TRP A 50 29.61 2.88 0.28
C TRP A 50 29.73 2.70 -1.21
N ASP A 51 30.37 3.67 -1.88
CA ASP A 51 30.42 3.75 -3.35
C ASP A 51 29.02 3.59 -3.97
N GLY A 52 28.04 4.30 -3.41
CA GLY A 52 26.67 4.26 -3.91
C GLY A 52 25.83 3.02 -3.63
N LEU A 53 26.46 1.94 -3.15
CA LEU A 53 25.74 0.68 -2.88
C LEU A 53 25.84 0.23 -1.42
N PRO A 54 24.73 -0.34 -0.88
CA PRO A 54 24.75 -0.91 0.46
C PRO A 54 25.73 -2.07 0.57
N ARG A 55 26.58 -2.02 1.59
CA ARG A 55 27.47 -3.14 1.92
C ARG A 55 27.03 -3.75 3.24
N HIS A 56 27.02 -5.08 3.28
CA HIS A 56 26.50 -5.80 4.44
C HIS A 56 27.60 -6.54 5.14
N PHE A 57 27.78 -6.23 6.42
CA PHE A 57 28.80 -6.88 7.24
C PHE A 57 28.14 -7.70 8.34
N ILE A 58 28.50 -8.97 8.44
CA ILE A 58 27.98 -9.81 9.49
C ILE A 58 28.72 -9.49 10.80
N ILE A 59 27.96 -9.15 11.83
CA ILE A 59 28.56 -8.87 13.12
C ILE A 59 28.86 -10.20 13.82
N GLN A 60 30.14 -10.48 14.03
CA GLN A 60 30.59 -11.73 14.66
C GLN A 60 30.37 -11.68 16.16
N SER A 61 30.08 -12.84 16.74
CA SER A 61 29.90 -12.97 18.18
C SER A 61 30.66 -14.17 18.74
N LEU A 62 31.42 -13.94 19.80
CA LEU A 62 32.18 -15.00 20.47
C LEU A 62 32.46 -14.57 21.93
N ASP A 63 32.24 -15.51 22.87
CA ASP A 63 32.39 -15.24 24.31
C ASP A 63 31.54 -14.03 24.75
N ASN A 64 30.32 -13.93 24.23
CA ASN A 64 29.44 -12.75 24.46
C ASN A 64 30.08 -11.40 24.11
N LEU A 65 31.01 -11.42 23.16
CA LEU A 65 31.60 -10.19 22.62
C LEU A 65 31.37 -10.08 21.12
N TYR A 66 31.04 -8.87 20.68
CA TYR A 66 30.70 -8.59 19.29
C TYR A 66 31.82 -7.80 18.62
N ARG A 67 32.13 -8.17 17.37
CA ARG A 67 33.30 -7.66 16.70
C ARG A 67 33.14 -7.80 15.19
N LEU A 68 34.00 -7.09 14.46
CA LEU A 68 34.12 -7.35 13.05
C LEU A 68 35.46 -8.03 12.81
N GLU A 69 36.50 -7.23 12.52
CA GLU A 69 37.85 -7.78 12.39
C GLU A 69 38.84 -7.10 13.35
N GLY A 70 38.30 -6.43 14.36
CA GLY A 70 39.11 -5.74 15.37
C GLY A 70 38.73 -6.14 16.79
N GLU A 71 38.68 -5.15 17.68
CA GLU A 71 38.30 -5.36 19.08
C GLU A 71 36.87 -5.84 19.22
N GLY A 72 36.61 -6.58 20.31
CA GLY A 72 35.27 -7.03 20.66
C GLY A 72 34.67 -6.25 21.80
N PHE A 73 33.35 -6.08 21.76
CA PHE A 73 32.60 -5.29 22.75
C PHE A 73 31.40 -6.09 23.27
N PRO A 74 31.03 -5.91 24.56
CA PRO A 74 29.95 -6.69 25.18
C PRO A 74 28.53 -6.34 24.70
N SER A 75 28.40 -5.30 23.88
CA SER A 75 27.13 -5.06 23.18
C SER A 75 27.39 -4.53 21.78
N ILE A 76 26.39 -4.66 20.89
CA ILE A 76 26.50 -4.08 19.56
C ILE A 76 26.46 -2.53 19.60
N PRO A 77 25.63 -1.94 20.47
CA PRO A 77 25.74 -0.47 20.57
C PRO A 77 27.14 0.05 20.99
N LEU A 78 27.86 -0.72 21.80
CA LEU A 78 29.25 -0.37 22.15
C LEU A 78 30.20 -0.54 20.97
N LEU A 79 29.95 -1.56 20.16
CA LEU A 79 30.73 -1.77 18.94
C LEU A 79 30.51 -0.63 17.95
N ILE A 80 29.25 -0.23 17.76
CA ILE A 80 28.89 0.84 16.85
C ILE A 80 29.47 2.19 17.31
N ASP A 81 29.37 2.46 18.62
CA ASP A 81 29.95 3.68 19.17
C ASP A 81 31.47 3.76 18.89
N HIS A 82 32.16 2.64 19.07
CA HIS A 82 33.59 2.51 18.77
C HIS A 82 33.92 2.80 17.33
N LEU A 83 33.19 2.18 16.41
CA LEU A 83 33.43 2.36 14.98
C LEU A 83 33.19 3.79 14.54
N LEU A 84 32.09 4.38 15.00
CA LEU A 84 31.74 5.77 14.67
C LEU A 84 32.75 6.76 15.26
N SER A 85 33.09 6.58 16.54
CA SER A 85 34.02 7.51 17.21
C SER A 85 35.47 7.42 16.74
N THR A 86 35.95 6.22 16.42
CA THR A 86 37.34 6.05 15.98
C THR A 86 37.51 6.24 14.49
N GLN A 87 36.41 6.18 13.75
CA GLN A 87 36.44 6.23 12.29
C GLN A 87 37.36 5.15 11.68
N GLN A 88 37.48 4.01 12.36
CA GLN A 88 38.28 2.91 11.84
C GLN A 88 37.49 2.21 10.73
N PRO A 89 38.15 1.87 9.61
CA PRO A 89 37.49 1.06 8.57
C PRO A 89 36.92 -0.25 9.15
N LEU A 90 35.75 -0.65 8.68
CA LEU A 90 35.09 -1.86 9.22
C LEU A 90 35.93 -3.10 8.99
N THR A 91 36.52 -3.19 7.80
CA THR A 91 37.60 -4.14 7.52
C THR A 91 38.69 -3.39 6.75
N LYS A 92 39.93 -3.86 6.91
CA LYS A 92 41.08 -3.30 6.20
C LYS A 92 40.85 -3.38 4.69
N LYS A 93 40.33 -4.51 4.24
CA LYS A 93 40.08 -4.77 2.82
C LYS A 93 39.04 -3.81 2.21
N SER A 94 37.92 -3.60 2.91
CA SER A 94 36.82 -2.79 2.39
C SER A 94 37.02 -1.28 2.52
N GLY A 95 37.64 -0.84 3.62
CA GLY A 95 37.83 0.59 3.88
C GLY A 95 36.55 1.37 4.18
N VAL A 96 35.46 0.65 4.40
CA VAL A 96 34.17 1.26 4.74
C VAL A 96 34.25 1.92 6.14
N VAL A 97 33.75 3.15 6.23
CA VAL A 97 33.79 3.90 7.48
C VAL A 97 32.40 4.46 7.76
N LEU A 98 31.92 4.29 8.99
CA LEU A 98 30.59 4.77 9.38
C LEU A 98 30.54 6.28 9.51
N HIS A 99 29.43 6.87 9.07
CA HIS A 99 29.26 8.31 9.21
C HIS A 99 28.01 8.74 9.94
N ARG A 100 26.87 8.16 9.61
CA ARG A 100 25.60 8.61 10.20
C ARG A 100 24.63 7.45 10.42
N ALA A 101 24.10 7.34 11.64
CA ALA A 101 23.11 6.32 11.98
C ALA A 101 21.75 6.74 11.44
N VAL A 102 21.13 5.86 10.66
CA VAL A 102 19.80 6.10 10.12
C VAL A 102 18.73 5.62 11.10
N PRO A 103 17.93 6.56 11.65
CA PRO A 103 16.97 6.14 12.63
C PRO A 103 15.68 5.59 12.00
N LYS A 104 14.94 4.79 12.74
CA LYS A 104 13.60 4.36 12.33
C LYS A 104 12.69 5.57 12.23
N ASP A 105 11.73 5.54 11.31
CA ASP A 105 10.75 6.61 11.27
C ASP A 105 9.67 6.40 12.34
N LYS A 106 8.76 7.36 12.45
CA LYS A 106 7.73 7.33 13.48
C LYS A 106 6.69 6.21 13.29
N TRP A 107 6.75 5.53 12.15
CA TRP A 107 5.72 4.54 11.77
C TRP A 107 6.03 3.14 12.21
N VAL A 108 7.26 2.91 12.68
CA VAL A 108 7.65 1.57 13.10
C VAL A 108 6.95 1.24 14.42
N LEU A 109 6.35 0.05 14.46
CA LEU A 109 5.52 -0.37 15.57
C LEU A 109 6.08 -1.66 16.13
N ASN A 110 6.20 -1.79 17.45
CA ASN A 110 6.60 -3.07 18.06
C ASN A 110 5.48 -4.10 18.02
N HIS A 111 5.84 -5.36 17.79
CA HIS A 111 4.88 -6.48 17.82
C HIS A 111 4.16 -6.57 19.13
N GLU A 112 4.85 -6.26 20.23
CA GLU A 112 4.28 -6.28 21.58
C GLU A 112 3.16 -5.26 21.78
N ASP A 113 3.12 -4.25 20.91
CA ASP A 113 2.09 -3.22 21.01
C ASP A 113 0.73 -3.65 20.40
N LEU A 114 0.72 -4.84 19.78
CA LEU A 114 -0.39 -5.34 18.97
C LEU A 114 -0.86 -6.73 19.41
N VAL A 115 -2.17 -6.94 19.45
CA VAL A 115 -2.77 -8.29 19.59
C VAL A 115 -3.63 -8.59 18.37
N LEU A 116 -3.35 -9.71 17.73
CA LEU A 116 -4.11 -10.15 16.54
C LEU A 116 -5.42 -10.81 16.91
N GLY A 117 -6.46 -10.52 16.16
CA GLY A 117 -7.76 -11.15 16.33
C GLY A 117 -8.10 -12.05 15.14
N GLU A 118 -9.40 -12.18 14.87
CA GLU A 118 -9.92 -13.00 13.78
C GLU A 118 -9.52 -12.53 12.37
N GLN A 119 -9.43 -13.48 11.45
CA GLN A 119 -9.26 -13.18 10.05
C GLN A 119 -10.51 -12.46 9.57
N ILE A 120 -10.33 -11.38 8.80
CA ILE A 120 -11.45 -10.63 8.24
C ILE A 120 -11.48 -10.64 6.71
N GLY A 121 -10.36 -10.98 6.07
CA GLY A 121 -10.30 -11.04 4.63
C GLY A 121 -9.04 -11.74 4.12
N ARG A 122 -8.93 -11.84 2.81
CA ARG A 122 -7.80 -12.43 2.12
C ARG A 122 -7.33 -11.47 1.03
N GLY A 123 -6.06 -11.07 1.11
CA GLY A 123 -5.48 -10.21 0.11
C GLY A 123 -4.52 -10.98 -0.78
N ASN A 124 -4.00 -10.32 -1.79
CA ASN A 124 -3.00 -10.94 -2.66
C ASN A 124 -1.74 -11.40 -1.94
N PHE A 125 -1.36 -10.72 -0.85
CA PHE A 125 -0.15 -11.12 -0.10
C PHE A 125 -0.43 -12.11 1.04
N GLY A 126 -1.69 -12.23 1.41
CA GLY A 126 -2.07 -13.12 2.52
C GLY A 126 -3.27 -12.58 3.29
N GLU A 127 -3.54 -13.21 4.42
CA GLU A 127 -4.68 -12.90 5.25
C GLU A 127 -4.61 -11.48 5.81
N VAL A 128 -5.79 -10.89 5.98
CA VAL A 128 -5.95 -9.64 6.74
C VAL A 128 -6.72 -9.99 8.00
N PHE A 129 -6.22 -9.50 9.15
CA PHE A 129 -6.82 -9.80 10.46
C PHE A 129 -7.34 -8.51 11.10
N SER A 130 -8.37 -8.64 11.94
CA SER A 130 -8.72 -7.58 12.87
C SER A 130 -7.73 -7.69 14.03
N GLY A 131 -7.63 -6.64 14.85
CA GLY A 131 -6.70 -6.64 15.96
C GLY A 131 -6.91 -5.45 16.86
N ARG A 132 -6.09 -5.34 17.90
CA ARG A 132 -6.17 -4.16 18.76
C ARG A 132 -4.82 -3.72 19.26
N LEU A 133 -4.66 -2.40 19.36
CA LEU A 133 -3.50 -1.83 20.00
C LEU A 133 -3.68 -2.02 21.51
N ARG A 134 -2.69 -2.58 22.18
CA ARG A 134 -2.84 -2.92 23.61
C ARG A 134 -2.98 -1.68 24.50
N ALA A 135 -2.26 -0.62 24.18
CA ALA A 135 -2.26 0.61 24.98
C ALA A 135 -3.64 1.26 25.14
N ASP A 136 -4.41 1.39 24.06
CA ASP A 136 -5.68 2.10 24.16
C ASP A 136 -6.92 1.41 23.61
N ASN A 137 -6.83 0.12 23.29
CA ASN A 137 -7.97 -0.56 22.61
C ASN A 137 -8.38 -0.02 21.25
N THR A 138 -7.49 0.69 20.57
CA THR A 138 -7.77 1.09 19.18
C THR A 138 -7.91 -0.21 18.36
N LEU A 139 -9.01 -0.35 17.63
CA LEU A 139 -9.20 -1.51 16.77
C LEU A 139 -8.46 -1.29 15.45
N VAL A 140 -7.77 -2.32 14.99
CA VAL A 140 -6.95 -2.18 13.79
C VAL A 140 -7.22 -3.30 12.78
N ALA A 141 -6.82 -3.06 11.52
CA ALA A 141 -6.73 -4.11 10.50
C ALA A 141 -5.25 -4.37 10.25
N VAL A 142 -4.89 -5.65 10.14
CA VAL A 142 -3.49 -6.04 10.07
C VAL A 142 -3.24 -6.89 8.82
N LYS A 143 -2.42 -6.38 7.91
CA LYS A 143 -2.10 -7.10 6.66
C LYS A 143 -0.86 -7.93 6.82
N SER A 144 -0.91 -9.18 6.39
CA SER A 144 0.23 -10.10 6.46
C SER A 144 0.74 -10.45 5.07
N CYS A 145 1.95 -11.00 5.01
CA CYS A 145 2.61 -11.38 3.77
C CYS A 145 3.10 -12.83 3.91
N ARG A 146 2.61 -13.72 3.05
CA ARG A 146 3.02 -15.12 3.08
C ARG A 146 4.49 -15.26 2.67
N GLU A 147 5.24 -16.01 3.45
CA GLU A 147 6.69 -16.20 3.23
C GLU A 147 7.02 -16.95 1.92
N THR A 148 6.06 -17.71 1.40
CA THR A 148 6.27 -18.51 0.18
C THR A 148 6.09 -17.75 -1.14
N LEU A 149 5.65 -16.49 -1.07
CA LEU A 149 5.51 -15.68 -2.28
C LEU A 149 6.87 -15.42 -2.95
N PRO A 150 6.88 -15.20 -4.29
CA PRO A 150 8.15 -14.93 -4.98
C PRO A 150 8.87 -13.70 -4.40
N PRO A 151 10.20 -13.79 -4.23
CA PRO A 151 10.99 -12.69 -3.66
C PRO A 151 10.70 -11.34 -4.30
N ASP A 152 10.51 -11.32 -5.62
CA ASP A 152 10.19 -10.08 -6.34
C ASP A 152 8.83 -9.47 -5.98
N LEU A 153 7.86 -10.32 -5.65
CA LEU A 153 6.55 -9.83 -5.17
C LEU A 153 6.59 -9.47 -3.67
N LYS A 154 7.25 -10.27 -2.85
CA LYS A 154 7.42 -9.93 -1.43
C LYS A 154 8.10 -8.57 -1.23
N ALA A 155 9.08 -8.26 -2.08
CA ALA A 155 9.76 -6.94 -2.04
C ALA A 155 8.77 -5.78 -2.20
N LYS A 156 7.60 -6.03 -2.78
CA LYS A 156 6.60 -4.99 -3.03
C LYS A 156 5.61 -4.78 -1.88
N PHE A 157 5.62 -5.68 -0.90
CA PHE A 157 4.62 -5.70 0.19
C PHE A 157 4.54 -4.38 0.95
N LEU A 158 5.70 -3.82 1.29
CA LEU A 158 5.74 -2.57 2.05
C LEU A 158 5.38 -1.30 1.24
N GLN A 159 5.16 -1.44 -0.07
CA GLN A 159 4.72 -0.32 -0.93
C GLN A 159 3.45 0.37 -0.41
N GLU A 160 2.47 -0.41 0.02
CA GLU A 160 1.22 0.16 0.53
C GLU A 160 1.51 1.14 1.69
N ALA A 161 2.45 0.75 2.56
CA ALA A 161 2.79 1.55 3.74
C ALA A 161 3.59 2.79 3.35
N ARG A 162 4.61 2.61 2.51
CA ARG A 162 5.42 3.74 2.02
C ARG A 162 4.53 4.82 1.42
N ILE A 163 3.51 4.40 0.66
CA ILE A 163 2.57 5.34 0.03
C ILE A 163 1.65 6.02 1.07
N LEU A 164 0.99 5.23 1.91
CA LEU A 164 -0.01 5.77 2.85
C LEU A 164 0.60 6.62 3.96
N LYS A 165 1.89 6.44 4.23
CA LYS A 165 2.62 7.27 5.21
C LYS A 165 2.42 8.75 4.96
N GLN A 166 2.30 9.10 3.68
CA GLN A 166 2.22 10.47 3.22
C GLN A 166 0.82 11.08 3.24
N TYR A 167 -0.22 10.25 3.43
CA TYR A 167 -1.59 10.71 3.19
C TYR A 167 -2.41 10.94 4.44
N SER A 168 -3.35 11.88 4.32
CA SER A 168 -4.34 12.14 5.34
C SER A 168 -5.57 12.76 4.69
N HIS A 169 -6.65 12.00 4.62
CA HIS A 169 -7.89 12.44 4.00
C HIS A 169 -9.01 11.60 4.54
N PRO A 170 -10.20 12.19 4.78
CA PRO A 170 -11.34 11.45 5.33
C PRO A 170 -11.84 10.26 4.49
N ASN A 171 -11.54 10.25 3.19
CA ASN A 171 -11.98 9.14 2.33
C ASN A 171 -10.84 8.21 1.89
N ILE A 172 -9.74 8.25 2.62
CA ILE A 172 -8.59 7.34 2.39
C ILE A 172 -8.32 6.59 3.69
N VAL A 173 -8.13 5.27 3.60
CA VAL A 173 -7.81 4.45 4.79
C VAL A 173 -6.54 4.98 5.47
N ARG A 174 -6.55 5.04 6.79
CA ARG A 174 -5.43 5.58 7.57
C ARG A 174 -4.44 4.49 7.98
N LEU A 175 -3.15 4.72 7.70
CA LEU A 175 -2.09 3.85 8.20
C LEU A 175 -1.87 4.14 9.69
N ILE A 176 -1.67 3.09 10.48
CA ILE A 176 -1.29 3.26 11.90
C ILE A 176 0.19 2.95 12.11
N GLY A 177 0.67 1.87 11.51
CA GLY A 177 2.08 1.56 11.62
C GLY A 177 2.52 0.34 10.83
N VAL A 178 3.81 0.05 10.91
CA VAL A 178 4.39 -1.10 10.25
C VAL A 178 5.21 -1.88 11.28
N CYS A 179 4.94 -3.16 11.39
CA CYS A 179 5.69 -4.02 12.32
C CYS A 179 6.77 -4.72 11.53
N THR A 180 7.95 -4.10 11.50
CA THR A 180 9.11 -4.60 10.77
C THR A 180 10.32 -4.90 11.69
N GLN A 181 10.13 -4.84 13.00
CA GLN A 181 11.23 -5.11 13.94
C GLN A 181 11.53 -6.61 14.06
N LYS A 182 10.49 -7.42 13.87
CA LYS A 182 10.63 -8.90 13.84
C LYS A 182 9.73 -9.45 12.74
N GLN A 183 9.99 -10.69 12.34
CA GLN A 183 9.01 -11.46 11.57
C GLN A 183 7.92 -11.97 12.51
N PRO A 184 6.69 -12.19 11.99
CA PRO A 184 6.21 -11.86 10.63
C PRO A 184 5.92 -10.37 10.47
N ILE A 185 6.21 -9.84 9.29
CA ILE A 185 6.04 -8.42 9.02
C ILE A 185 4.56 -8.06 8.80
N TYR A 186 4.08 -7.01 9.47
CA TYR A 186 2.69 -6.58 9.31
C TYR A 186 2.59 -5.11 8.93
N ILE A 187 1.55 -4.79 8.17
CA ILE A 187 1.10 -3.42 7.98
C ILE A 187 -0.17 -3.19 8.78
N VAL A 188 -0.20 -2.16 9.63
CA VAL A 188 -1.33 -1.96 10.56
C VAL A 188 -2.08 -0.69 10.16
N MET A 189 -3.40 -0.82 9.97
CA MET A 189 -4.26 0.30 9.55
C MET A 189 -5.45 0.46 10.48
N GLU A 190 -6.15 1.62 10.42
CA GLU A 190 -7.42 1.79 11.12
C GLU A 190 -8.36 0.69 10.66
N LEU A 191 -9.10 0.09 11.59
CA LEU A 191 -10.11 -0.86 11.20
C LEU A 191 -11.36 -0.10 10.77
N VAL A 192 -11.81 -0.32 9.53
CA VAL A 192 -13.05 0.27 9.04
C VAL A 192 -14.14 -0.79 9.23
N GLN A 193 -14.96 -0.58 10.27
CA GLN A 193 -15.75 -1.67 10.85
C GLN A 193 -16.89 -2.18 10.00
N GLY A 194 -17.38 -1.36 9.07
CA GLY A 194 -18.49 -1.78 8.22
C GLY A 194 -18.06 -2.69 7.07
N GLY A 195 -16.76 -2.94 6.93
CA GLY A 195 -16.27 -3.84 5.89
C GLY A 195 -16.32 -3.26 4.49
N ASP A 196 -16.21 -4.14 3.50
CA ASP A 196 -16.06 -3.69 2.11
C ASP A 196 -17.40 -3.28 1.47
N PHE A 197 -17.29 -2.36 0.52
CA PHE A 197 -18.41 -1.72 -0.12
C PHE A 197 -19.23 -2.69 -0.97
N LEU A 198 -18.57 -3.63 -1.62
CA LEU A 198 -19.29 -4.63 -2.42
C LEU A 198 -20.26 -5.47 -1.56
N THR A 199 -19.75 -5.97 -0.43
CA THR A 199 -20.58 -6.74 0.50
C THR A 199 -21.73 -5.88 1.02
N PHE A 200 -21.40 -4.64 1.40
CA PHE A 200 -22.39 -3.64 1.81
C PHE A 200 -23.54 -3.50 0.79
N LEU A 201 -23.19 -3.29 -0.48
CA LEU A 201 -24.19 -3.12 -1.54
C LEU A 201 -25.10 -4.32 -1.71
N ARG A 202 -24.51 -5.51 -1.67
CA ARG A 202 -25.22 -6.76 -1.86
C ARG A 202 -26.13 -7.11 -0.69
N THR A 203 -25.65 -6.82 0.52
CA THR A 203 -26.36 -7.11 1.77
C THR A 203 -27.48 -6.09 2.02
N GLU A 204 -27.13 -4.80 1.97
CA GLU A 204 -28.06 -3.71 2.28
C GLU A 204 -28.79 -3.15 1.06
N GLY A 205 -28.61 -3.80 -0.09
CA GLY A 205 -29.09 -3.31 -1.38
C GLY A 205 -30.46 -2.69 -1.42
N ALA A 206 -31.47 -3.54 -1.22
CA ALA A 206 -32.89 -3.19 -1.28
C ALA A 206 -33.28 -1.92 -0.51
N ARG A 207 -32.64 -1.73 0.65
CA ARG A 207 -32.96 -0.62 1.55
C ARG A 207 -32.30 0.71 1.20
N LEU A 208 -31.33 0.69 0.28
CA LEU A 208 -30.53 1.88 -0.02
C LEU A 208 -31.21 2.87 -0.94
N ARG A 209 -31.27 4.12 -0.50
CA ARG A 209 -31.83 5.21 -1.28
C ARG A 209 -30.78 5.72 -2.27
N VAL A 210 -31.25 6.16 -3.44
CA VAL A 210 -30.39 6.71 -4.48
C VAL A 210 -29.51 7.86 -3.94
N LYS A 211 -30.08 8.71 -3.07
CA LYS A 211 -29.31 9.76 -2.43
C LYS A 211 -28.10 9.22 -1.68
N THR A 212 -28.31 8.14 -0.93
CA THR A 212 -27.25 7.51 -0.13
C THR A 212 -26.14 6.97 -1.03
N LEU A 213 -26.53 6.28 -2.10
CA LEU A 213 -25.57 5.74 -3.08
C LEU A 213 -24.71 6.84 -3.69
N LEU A 214 -25.35 7.94 -4.09
CA LEU A 214 -24.66 9.09 -4.66
C LEU A 214 -23.68 9.75 -3.69
N GLN A 215 -24.05 9.83 -2.42
CA GLN A 215 -23.15 10.33 -1.39
C GLN A 215 -21.91 9.43 -1.19
N MET A 216 -22.11 8.12 -1.32
CA MET A 216 -20.99 7.18 -1.11
C MET A 216 -19.99 7.21 -2.27
N VAL A 217 -20.49 7.15 -3.50
CA VAL A 217 -19.59 7.31 -4.66
C VAL A 217 -19.00 8.71 -4.73
N GLY A 218 -19.74 9.68 -4.20
CA GLY A 218 -19.21 11.03 -4.04
C GLY A 218 -17.98 11.03 -3.13
N ASP A 219 -18.06 10.28 -2.02
CA ASP A 219 -16.91 10.07 -1.13
C ASP A 219 -15.72 9.46 -1.88
N ALA A 220 -16.00 8.43 -2.68
CA ALA A 220 -14.97 7.76 -3.46
C ALA A 220 -14.29 8.74 -4.42
N ALA A 221 -15.09 9.59 -5.07
CA ALA A 221 -14.55 10.62 -5.96
C ALA A 221 -13.68 11.65 -5.25
N ALA A 222 -14.07 12.06 -4.04
CA ALA A 222 -13.21 12.95 -3.22
C ALA A 222 -11.86 12.31 -2.88
N GLY A 223 -11.89 11.04 -2.46
CA GLY A 223 -10.64 10.30 -2.20
C GLY A 223 -9.73 10.27 -3.42
N MET A 224 -10.32 9.96 -4.58
CA MET A 224 -9.57 9.87 -5.84
C MET A 224 -9.04 11.22 -6.30
N GLU A 225 -9.84 12.28 -6.12
CA GLU A 225 -9.36 13.64 -6.36
C GLU A 225 -8.13 13.95 -5.52
N TYR A 226 -8.16 13.54 -4.25
CA TYR A 226 -7.01 13.74 -3.36
C TYR A 226 -5.79 12.97 -3.84
N LEU A 227 -5.97 11.69 -4.15
CA LEU A 227 -4.90 10.87 -4.69
C LEU A 227 -4.26 11.48 -5.97
N GLU A 228 -5.10 11.90 -6.90
CA GLU A 228 -4.60 12.55 -8.11
C GLU A 228 -3.73 13.77 -7.76
N SER A 229 -4.17 14.54 -6.77
CA SER A 229 -3.42 15.74 -6.33
C SER A 229 -2.05 15.37 -5.77
N LYS A 230 -1.94 14.15 -5.23
CA LYS A 230 -0.66 13.63 -4.72
C LYS A 230 0.17 12.86 -5.75
N CYS A 231 -0.26 12.85 -7.02
CA CYS A 231 0.41 12.07 -8.10
C CYS A 231 0.33 10.54 -7.88
N CYS A 232 -0.67 10.10 -7.15
CA CYS A 232 -0.82 8.69 -6.86
C CYS A 232 -1.77 8.07 -7.89
N ILE A 233 -1.31 6.99 -8.51
CA ILE A 233 -2.12 6.17 -9.40
C ILE A 233 -2.45 4.90 -8.60
N HIS A 234 -3.74 4.66 -8.33
CA HIS A 234 -4.17 3.57 -7.46
C HIS A 234 -4.10 2.21 -8.11
N ARG A 235 -4.65 2.09 -9.32
CA ARG A 235 -4.56 0.87 -10.15
C ARG A 235 -5.49 -0.30 -9.76
N ASP A 236 -6.15 -0.22 -8.60
CA ASP A 236 -7.00 -1.35 -8.18
C ASP A 236 -8.31 -0.86 -7.58
N LEU A 237 -8.88 0.19 -8.18
CA LEU A 237 -10.13 0.77 -7.67
C LEU A 237 -11.31 -0.11 -8.05
N ALA A 238 -12.09 -0.51 -7.05
CA ALA A 238 -13.24 -1.38 -7.24
C ALA A 238 -14.02 -1.36 -5.94
N ALA A 239 -15.31 -1.72 -6.01
CA ALA A 239 -16.17 -1.75 -4.81
C ALA A 239 -15.57 -2.61 -3.69
N ARG A 240 -14.97 -3.75 -4.03
CA ARG A 240 -14.37 -4.65 -3.04
C ARG A 240 -13.19 -3.99 -2.29
N ASN A 241 -12.62 -2.95 -2.91
CA ASN A 241 -11.48 -2.25 -2.34
C ASN A 241 -11.81 -0.91 -1.73
N CYS A 242 -13.10 -0.68 -1.54
CA CYS A 242 -13.56 0.47 -0.77
C CYS A 242 -14.19 -0.07 0.51
N LEU A 243 -14.09 0.71 1.57
CA LEU A 243 -14.55 0.27 2.88
C LEU A 243 -15.59 1.25 3.39
N VAL A 244 -16.50 0.76 4.23
CA VAL A 244 -17.63 1.55 4.70
C VAL A 244 -17.55 1.73 6.23
N THR A 245 -17.53 2.98 6.70
CA THR A 245 -17.55 3.23 8.15
C THR A 245 -18.94 2.98 8.75
N GLU A 246 -19.01 2.94 10.09
CA GLU A 246 -20.30 2.81 10.80
C GLU A 246 -21.32 3.90 10.45
N LYS A 247 -20.81 5.06 10.03
CA LYS A 247 -21.67 6.15 9.58
C LYS A 247 -21.84 6.23 8.05
N ASN A 248 -21.58 5.12 7.36
CA ASN A 248 -21.73 5.02 5.89
C ASN A 248 -20.82 5.93 5.04
N VAL A 249 -19.68 6.32 5.60
CA VAL A 249 -18.67 7.04 4.84
C VAL A 249 -17.80 6.01 4.12
N LEU A 250 -17.46 6.26 2.87
CA LEU A 250 -16.63 5.35 2.10
C LEU A 250 -15.16 5.79 2.16
N LYS A 251 -14.27 4.82 2.34
CA LYS A 251 -12.82 5.07 2.25
C LYS A 251 -12.17 4.17 1.21
N ILE A 252 -11.27 4.74 0.42
CA ILE A 252 -10.49 3.95 -0.55
C ILE A 252 -9.39 3.18 0.20
N SER A 253 -9.24 1.92 -0.17
CA SER A 253 -8.36 1.00 0.53
C SER A 253 -7.47 0.25 -0.46
N ASP A 254 -6.67 -0.68 0.06
CA ASP A 254 -5.89 -1.63 -0.76
C ASP A 254 -4.96 -0.94 -1.77
N PHE A 255 -3.87 -0.37 -1.24
CA PHE A 255 -2.91 0.44 -1.99
C PHE A 255 -1.68 -0.33 -2.47
N GLY A 256 -1.75 -1.66 -2.46
CA GLY A 256 -0.63 -2.54 -2.84
C GLY A 256 -0.11 -2.31 -4.26
N MET A 257 -1.02 -2.07 -5.20
CA MET A 257 -0.64 -1.83 -6.59
C MET A 257 -0.38 -0.36 -6.94
N SER A 258 -0.62 0.55 -5.98
CA SER A 258 -0.56 1.98 -6.26
C SER A 258 0.88 2.46 -6.49
N ARG A 259 1.02 3.52 -7.29
CA ARG A 259 2.33 4.03 -7.66
C ARG A 259 2.27 5.54 -7.73
N GLU A 260 3.33 6.18 -7.25
CA GLU A 260 3.47 7.64 -7.29
C GLU A 260 4.31 8.00 -8.51
N GLU A 261 3.79 8.90 -9.35
CA GLU A 261 4.49 9.30 -10.56
C GLU A 261 4.32 10.80 -10.77
N ALA A 262 5.42 11.54 -10.65
CA ALA A 262 5.41 12.99 -10.76
C ALA A 262 4.86 13.48 -12.12
N ASP A 263 5.15 12.76 -13.20
CA ASP A 263 4.64 13.18 -14.51
C ASP A 263 3.39 12.43 -14.96
N GLY A 264 2.77 11.74 -14.01
CA GLY A 264 1.41 11.25 -14.19
C GLY A 264 1.23 9.91 -14.91
N VAL A 265 2.32 9.26 -15.30
CA VAL A 265 2.22 7.99 -16.01
C VAL A 265 3.10 6.92 -15.38
N TYR A 266 2.50 5.77 -15.08
CA TYR A 266 3.24 4.59 -14.66
C TYR A 266 3.26 3.52 -15.76
N ALA A 267 4.47 3.12 -16.16
CA ALA A 267 4.66 2.05 -17.15
C ALA A 267 4.82 0.73 -16.41
N ALA A 268 3.83 -0.15 -16.57
CA ALA A 268 3.79 -1.41 -15.85
C ALA A 268 4.87 -2.36 -16.36
N SER A 269 5.30 -3.30 -15.51
CA SER A 269 6.28 -4.33 -15.92
C SER A 269 5.71 -5.24 -17.01
N GLY A 270 4.39 -5.39 -17.01
CA GLY A 270 3.69 -6.29 -17.92
C GLY A 270 3.40 -7.63 -17.28
N GLY A 271 4.18 -7.99 -16.25
CA GLY A 271 4.14 -9.34 -15.65
C GLY A 271 3.28 -9.51 -14.40
N LEU A 272 2.39 -8.55 -14.16
CA LEU A 272 1.49 -8.58 -13.01
C LEU A 272 0.51 -9.76 -13.06
N ARG A 273 0.44 -10.49 -11.94
CA ARG A 273 -0.49 -11.59 -11.77
C ARG A 273 -1.81 -11.05 -11.24
N GLN A 274 -2.88 -11.82 -11.45
CA GLN A 274 -4.24 -11.48 -10.99
C GLN A 274 -4.67 -10.02 -11.20
N VAL A 275 -4.30 -9.47 -12.36
CA VAL A 275 -4.67 -8.09 -12.73
C VAL A 275 -6.21 -8.01 -12.80
N PRO A 276 -6.81 -6.94 -12.24
CA PRO A 276 -8.27 -6.85 -12.28
C PRO A 276 -8.73 -6.37 -13.66
N VAL A 277 -8.66 -7.29 -14.62
CA VAL A 277 -8.90 -6.99 -16.03
C VAL A 277 -10.21 -6.23 -16.24
N LYS A 278 -11.29 -6.67 -15.59
CA LYS A 278 -12.61 -6.08 -15.87
C LYS A 278 -12.79 -4.66 -15.32
N TRP A 279 -11.88 -4.25 -14.43
CA TRP A 279 -11.84 -2.89 -13.89
C TRP A 279 -10.79 -2.01 -14.53
N THR A 280 -9.99 -2.57 -15.43
CA THR A 280 -8.83 -1.88 -15.96
C THR A 280 -9.04 -1.29 -17.36
N ALA A 281 -8.52 -0.08 -17.58
CA ALA A 281 -8.63 0.61 -18.87
C ALA A 281 -7.85 -0.09 -19.98
N PRO A 282 -8.35 -0.02 -21.24
CA PRO A 282 -7.70 -0.67 -22.39
C PRO A 282 -6.22 -0.34 -22.58
N GLU A 283 -5.84 0.94 -22.47
CA GLU A 283 -4.46 1.35 -22.68
C GLU A 283 -3.52 0.82 -21.59
N ALA A 284 -4.08 0.56 -20.41
CA ALA A 284 -3.30 0.00 -19.31
C ALA A 284 -3.03 -1.47 -19.55
N LEU A 285 -4.03 -2.19 -20.03
CA LEU A 285 -3.84 -3.58 -20.40
C LEU A 285 -3.00 -3.71 -21.68
N ASN A 286 -3.31 -2.91 -22.69
CA ASN A 286 -2.68 -3.08 -23.99
C ASN A 286 -1.21 -2.65 -23.97
N TYR A 287 -0.91 -1.54 -23.30
CA TYR A 287 0.42 -0.94 -23.38
C TYR A 287 1.09 -0.68 -22.04
N GLY A 288 0.49 -1.15 -20.96
CA GLY A 288 1.03 -0.92 -19.62
C GLY A 288 0.95 0.51 -19.15
N ARG A 289 0.05 1.29 -19.76
CA ARG A 289 -0.04 2.73 -19.46
C ARG A 289 -1.07 3.00 -18.36
N TYR A 290 -0.59 3.18 -17.15
CA TYR A 290 -1.48 3.52 -16.03
C TYR A 290 -1.36 5.01 -15.72
N SER A 291 -2.49 5.62 -15.38
CA SER A 291 -2.52 7.03 -15.04
C SER A 291 -3.79 7.31 -14.26
N SER A 292 -3.95 8.56 -13.83
CA SER A 292 -5.22 8.97 -13.26
C SER A 292 -6.39 8.71 -14.21
N GLU A 293 -6.15 8.81 -15.52
CA GLU A 293 -7.17 8.53 -16.54
C GLU A 293 -7.57 7.05 -16.58
N SER A 294 -6.62 6.16 -16.35
CA SER A 294 -6.99 4.74 -16.20
C SER A 294 -7.75 4.48 -14.88
N ASP A 295 -7.39 5.19 -13.81
CA ASP A 295 -8.22 5.13 -12.57
C ASP A 295 -9.67 5.62 -12.83
N VAL A 296 -9.83 6.61 -13.71
CA VAL A 296 -11.17 7.14 -14.05
C VAL A 296 -12.05 6.06 -14.71
N TRP A 297 -11.44 5.28 -15.61
CA TRP A 297 -12.12 4.11 -16.16
C TRP A 297 -12.64 3.18 -15.10
N SER A 298 -11.78 2.86 -14.12
CA SER A 298 -12.13 2.00 -12.98
C SER A 298 -13.27 2.61 -12.16
N PHE A 299 -13.22 3.93 -11.99
CA PHE A 299 -14.27 4.64 -11.28
C PHE A 299 -15.62 4.45 -11.98
N GLY A 300 -15.59 4.46 -13.30
CA GLY A 300 -16.79 4.16 -14.11
C GLY A 300 -17.35 2.78 -13.78
N ILE A 301 -16.48 1.78 -13.72
CA ILE A 301 -16.90 0.44 -13.31
C ILE A 301 -17.47 0.45 -11.88
N LEU A 302 -16.83 1.20 -10.98
CA LEU A 302 -17.31 1.35 -9.60
C LEU A 302 -18.72 1.96 -9.55
N LEU A 303 -18.96 2.99 -10.36
CA LEU A 303 -20.32 3.56 -10.51
C LEU A 303 -21.33 2.51 -10.94
N TRP A 304 -20.92 1.65 -11.87
CA TRP A 304 -21.74 0.56 -12.36
C TRP A 304 -22.06 -0.44 -11.29
N GLU A 305 -21.04 -0.88 -10.55
CA GLU A 305 -21.22 -1.74 -9.36
C GLU A 305 -22.17 -1.14 -8.34
N THR A 306 -22.05 0.16 -8.11
CA THR A 306 -22.85 0.84 -7.10
C THR A 306 -24.35 0.82 -7.48
N PHE A 307 -24.65 1.20 -8.73
CA PHE A 307 -26.06 1.31 -9.14
C PHE A 307 -26.71 0.01 -9.62
N SER A 308 -25.92 -1.03 -9.78
CA SER A 308 -26.44 -2.36 -10.00
C SER A 308 -26.58 -3.11 -8.66
N LEU A 309 -26.32 -2.39 -7.57
CA LEU A 309 -26.28 -2.92 -6.21
C LEU A 309 -25.35 -4.13 -6.06
N GLY A 310 -24.16 -4.01 -6.62
CA GLY A 310 -23.14 -5.03 -6.49
C GLY A 310 -23.19 -6.19 -7.48
N ALA A 311 -23.71 -5.95 -8.69
CA ALA A 311 -23.68 -6.97 -9.73
C ALA A 311 -22.24 -7.14 -10.19
N SER A 312 -21.94 -8.29 -10.79
CA SER A 312 -20.59 -8.57 -11.27
C SER A 312 -20.53 -8.10 -12.71
N PRO A 313 -19.48 -7.34 -13.08
CA PRO A 313 -19.43 -6.81 -14.44
C PRO A 313 -19.05 -7.85 -15.50
N TYR A 314 -19.60 -7.70 -16.71
CA TYR A 314 -19.38 -8.63 -17.81
C TYR A 314 -19.45 -10.10 -17.37
N PRO A 315 -20.55 -10.50 -16.72
CA PRO A 315 -20.59 -11.84 -16.10
C PRO A 315 -20.35 -13.01 -17.08
N ASN A 316 -20.82 -12.86 -18.31
CA ASN A 316 -20.77 -13.96 -19.27
C ASN A 316 -19.44 -14.06 -20.02
N LEU A 317 -18.50 -13.16 -19.71
CA LEU A 317 -17.24 -13.09 -20.44
C LEU A 317 -16.02 -13.45 -19.59
N SER A 318 -15.05 -14.14 -20.21
CA SER A 318 -13.74 -14.31 -19.58
C SER A 318 -13.00 -12.96 -19.61
N ASN A 319 -11.84 -12.91 -18.95
CA ASN A 319 -11.01 -11.71 -19.00
C ASN A 319 -10.63 -11.36 -20.45
N GLN A 320 -10.16 -12.36 -21.20
CA GLN A 320 -9.76 -12.13 -22.59
C GLN A 320 -10.94 -11.69 -23.46
N GLN A 321 -12.09 -12.34 -23.28
CA GLN A 321 -13.29 -11.96 -24.03
C GLN A 321 -13.72 -10.53 -23.68
N THR A 322 -13.47 -10.12 -22.44
CA THR A 322 -13.81 -8.76 -22.02
C THR A 322 -12.93 -7.75 -22.72
N ARG A 323 -11.63 -8.05 -22.84
CA ARG A 323 -10.74 -7.18 -23.59
C ARG A 323 -11.20 -7.05 -25.05
N GLU A 324 -11.50 -8.18 -25.69
CA GLU A 324 -11.97 -8.19 -27.08
C GLU A 324 -13.27 -7.40 -27.26
N PHE A 325 -14.20 -7.59 -26.32
CA PHE A 325 -15.51 -6.90 -26.30
C PHE A 325 -15.32 -5.40 -26.20
N VAL A 326 -14.50 -4.97 -25.24
CA VAL A 326 -14.20 -3.55 -25.11
C VAL A 326 -13.52 -2.95 -26.34
N GLU A 327 -12.58 -3.68 -26.97
CA GLU A 327 -11.94 -3.18 -28.21
C GLU A 327 -12.97 -2.93 -29.33
N LYS A 328 -14.02 -3.73 -29.37
CA LYS A 328 -15.10 -3.55 -30.38
C LYS A 328 -16.08 -2.43 -30.05
N GLY A 329 -15.89 -1.77 -28.91
CA GLY A 329 -16.80 -0.73 -28.44
C GLY A 329 -17.84 -1.21 -27.43
N GLY A 330 -17.74 -2.47 -27.03
CA GLY A 330 -18.66 -3.00 -26.02
C GLY A 330 -18.46 -2.31 -24.69
N ARG A 331 -19.56 -1.95 -24.03
CA ARG A 331 -19.51 -1.39 -22.67
C ARG A 331 -20.64 -2.00 -21.85
N LEU A 332 -20.55 -1.86 -20.53
CA LEU A 332 -21.58 -2.32 -19.61
C LEU A 332 -22.91 -1.58 -19.80
N PRO A 333 -24.05 -2.28 -19.61
CA PRO A 333 -25.38 -1.64 -19.80
C PRO A 333 -25.80 -0.75 -18.64
N CYS A 334 -26.75 0.15 -18.88
CA CYS A 334 -27.27 0.99 -17.82
C CYS A 334 -28.08 0.16 -16.80
N PRO A 335 -27.71 0.19 -15.51
CA PRO A 335 -28.53 -0.47 -14.50
C PRO A 335 -29.88 0.25 -14.34
N GLU A 336 -30.94 -0.47 -14.04
CA GLU A 336 -32.28 0.13 -13.96
C GLU A 336 -32.42 1.19 -12.85
N LEU A 337 -31.73 1.02 -11.72
CA LEU A 337 -31.78 2.04 -10.66
C LEU A 337 -30.84 3.23 -10.90
N CYS A 338 -30.05 3.17 -11.96
CA CYS A 338 -29.12 4.24 -12.28
C CYS A 338 -29.84 5.41 -12.95
N PRO A 339 -29.74 6.62 -12.36
CA PRO A 339 -30.28 7.82 -12.98
C PRO A 339 -29.57 8.11 -14.31
N ASP A 340 -30.32 8.56 -15.31
CA ASP A 340 -29.77 8.87 -16.63
C ASP A 340 -28.46 9.67 -16.58
N ALA A 341 -28.41 10.68 -15.72
CA ALA A 341 -27.26 11.56 -15.65
C ALA A 341 -26.02 10.83 -15.13
N VAL A 342 -26.22 9.90 -14.20
CA VAL A 342 -25.11 9.12 -13.69
C VAL A 342 -24.55 8.25 -14.81
N PHE A 343 -25.44 7.63 -15.58
CA PHE A 343 -25.01 6.80 -16.68
C PHE A 343 -24.26 7.55 -17.79
N ARG A 344 -24.67 8.78 -18.08
CA ARG A 344 -23.91 9.62 -19.02
C ARG A 344 -22.49 9.90 -18.51
N LEU A 345 -22.35 10.16 -17.20
CA LEU A 345 -21.03 10.33 -16.58
C LEU A 345 -20.20 9.03 -16.67
N MET A 346 -20.85 7.91 -16.35
CA MET A 346 -20.27 6.57 -16.46
C MET A 346 -19.71 6.32 -17.87
N GLU A 347 -20.51 6.60 -18.91
CA GLU A 347 -20.08 6.45 -20.31
C GLU A 347 -18.88 7.31 -20.66
N GLN A 348 -18.84 8.52 -20.13
CA GLN A 348 -17.68 9.39 -20.31
C GLN A 348 -16.40 8.83 -19.65
N CYS A 349 -16.55 8.22 -18.46
CA CYS A 349 -15.45 7.54 -17.77
C CYS A 349 -14.85 6.42 -18.62
N TRP A 350 -15.69 5.80 -19.45
CA TRP A 350 -15.29 4.69 -20.33
C TRP A 350 -15.04 5.08 -21.75
N ALA A 351 -14.73 6.35 -21.99
CA ALA A 351 -14.21 6.77 -23.26
C ALA A 351 -12.94 5.96 -23.60
N TYR A 352 -12.86 5.47 -24.84
CA TYR A 352 -11.72 4.64 -25.21
C TYR A 352 -10.42 5.42 -25.08
N GLU A 353 -10.41 6.67 -25.56
CA GLU A 353 -9.22 7.50 -25.42
C GLU A 353 -9.13 8.16 -24.05
N PRO A 354 -7.98 7.98 -23.38
CA PRO A 354 -7.85 8.46 -22.00
C PRO A 354 -8.08 9.97 -21.87
N GLY A 355 -7.63 10.75 -22.85
CA GLY A 355 -7.81 12.21 -22.84
C GLY A 355 -9.25 12.70 -22.91
N GLN A 356 -10.15 11.82 -23.31
CA GLN A 356 -11.59 12.13 -23.44
C GLN A 356 -12.39 11.90 -22.15
N ARG A 357 -11.78 11.23 -21.17
CA ARG A 357 -12.44 10.94 -19.88
C ARG A 357 -12.45 12.15 -18.95
N PRO A 358 -13.47 12.26 -18.08
CA PRO A 358 -13.52 13.39 -17.13
C PRO A 358 -12.47 13.33 -16.04
N SER A 359 -12.14 14.48 -15.47
CA SER A 359 -11.25 14.55 -14.31
C SER A 359 -12.03 14.10 -13.07
N PHE A 360 -11.33 13.72 -12.01
CA PHE A 360 -11.99 13.38 -10.73
C PHE A 360 -12.71 14.59 -10.11
N SER A 361 -12.15 15.79 -10.31
CA SER A 361 -12.84 17.02 -9.90
C SER A 361 -14.21 17.15 -10.56
N THR A 362 -14.25 16.91 -11.86
CA THR A 362 -15.50 16.96 -12.62
C THR A 362 -16.47 15.88 -12.14
N ILE A 363 -15.94 14.67 -11.97
CA ILE A 363 -16.75 13.57 -11.46
C ILE A 363 -17.36 13.95 -10.10
N TYR A 364 -16.53 14.39 -9.17
CA TYR A 364 -17.02 14.75 -7.84
C TYR A 364 -18.13 15.81 -7.92
N GLN A 365 -17.90 16.85 -8.72
CA GLN A 365 -18.86 17.96 -8.84
C GLN A 365 -20.14 17.53 -9.54
N GLU A 366 -20.04 16.68 -10.55
CA GLU A 366 -21.21 16.17 -11.26
C GLU A 366 -22.10 15.28 -10.40
N LEU A 367 -21.49 14.33 -9.68
CA LEU A 367 -22.20 13.47 -8.73
C LEU A 367 -22.91 14.29 -7.63
N GLN A 368 -22.23 15.32 -7.13
CA GLN A 368 -22.80 16.22 -6.13
C GLN A 368 -24.04 16.95 -6.65
N SER A 369 -23.96 17.49 -7.87
CA SER A 369 -25.10 18.15 -8.51
C SER A 369 -26.27 17.21 -8.68
N ILE A 370 -26.00 15.97 -9.09
CA ILE A 370 -27.06 14.98 -9.24
C ILE A 370 -27.70 14.68 -7.88
N ARG A 371 -26.89 14.60 -6.82
CA ARG A 371 -27.36 14.25 -5.48
C ARG A 371 -28.30 15.31 -4.90
N LYS A 372 -28.12 16.55 -5.33
CA LYS A 372 -28.97 17.66 -4.88
C LYS A 372 -30.34 17.70 -5.55
N ARG A 373 -30.51 16.94 -6.64
CA ARG A 373 -31.85 16.69 -7.18
C ARG A 373 -32.60 15.71 -6.27
N HIS A 374 -32.00 14.54 -6.05
CA HIS A 374 -32.58 13.49 -5.20
C HIS A 374 -32.48 13.83 -3.74
#